data_5JBT
#
_entry.id   5JBT
#
_cell.length_a   98.956
_cell.length_b   54.539
_cell.length_c   56.632
_cell.angle_alpha   90.000
_cell.angle_beta   90.000
_cell.angle_gamma   90.000
#
_symmetry.space_group_name_H-M   'P 21 21 2'
#
loop_
_entity.id
_entity.type
_entity.pdbx_description
1 polymer 'PRSS3 protein'
2 polymer 'Amyloid-like protein 2'
3 polymer 'Amyloid-like protein 2'
4 non-polymer 'CALCIUM ION'
5 non-polymer 'SULFATE ION'
6 water water
#
loop_
_entity_poly.entity_id
_entity_poly.type
_entity_poly.pdbx_seq_one_letter_code
_entity_poly.pdbx_strand_id
1 'polypeptide(L)'
;IVGGYTCEENSLPYQVSLNSGSHFCGGSLISEQWVVSAAHCYKTRIQVRLGEHNIKVLEGNEQFINAAKIIRHPKYNRDT
LDNDIMLIKLSSPAVINARVSTISLPTAPPAAGTECLISGWGNTLSFGADYPDELKCLDAPVLTQAECKASYPGKITNSM
FCVGFLEGGKDSCQRDAGGPVVCNGQLQGVVSWGHGCAWKNRPGVYTKVYNYVDWIKDTIAANS
;
A
2 'polypeptide(L)' KAVCSQEAMTGPCR X
3 'polypeptide(L)' MPRWYFDLSKGKCVRFIYGGCGGNRNNFESEDYCMAVC Y
#
# COMPACT_ATOMS: atom_id res chain seq x y z
N ILE A 1 -0.96 0.07 9.46
CA ILE A 1 -0.43 -1.25 9.93
C ILE A 1 -1.23 -1.67 11.13
N VAL A 2 -1.82 -2.87 11.11
CA VAL A 2 -2.59 -3.42 12.20
C VAL A 2 -1.69 -4.43 12.90
N GLY A 3 -1.63 -4.38 14.22
CA GLY A 3 -0.91 -5.42 14.96
C GLY A 3 0.57 -5.29 14.91
N GLY A 4 1.07 -4.13 14.53
CA GLY A 4 2.51 -3.85 14.45
C GLY A 4 3.04 -3.20 15.70
N TYR A 5 4.17 -2.51 15.51
CA TYR A 5 4.87 -1.84 16.60
C TYR A 5 5.40 -0.53 16.04
N THR A 6 5.65 0.47 16.87
CA THR A 6 6.17 1.71 16.43
C THR A 6 7.64 1.50 16.07
N CYS A 7 8.01 1.87 14.86
CA CYS A 7 9.35 1.72 14.40
C CYS A 7 10.28 2.60 15.24
N GLU A 8 11.55 2.23 15.33
CA GLU A 8 12.58 3.12 15.89
C GLU A 8 12.66 4.35 15.00
N GLU A 9 12.76 5.52 15.64
CA GLU A 9 12.79 6.82 14.94
C GLU A 9 13.82 6.84 13.84
N ASN A 10 13.41 7.14 12.61
CA ASN A 10 14.27 7.24 11.48
C ASN A 10 15.09 5.99 11.17
N SER A 11 14.60 4.82 11.60
CA SER A 11 15.28 3.58 11.31
C SER A 11 14.90 2.99 9.95
N LEU A 12 13.93 3.56 9.27
CA LEU A 12 13.56 3.16 7.92
C LEU A 12 13.70 4.43 7.07
N PRO A 13 14.94 4.82 6.76
CA PRO A 13 15.16 6.12 6.16
C PRO A 13 14.70 6.23 4.67
N TYR A 14 14.32 5.10 4.10
CA TYR A 14 13.74 5.04 2.78
C TYR A 14 12.26 5.22 2.75
N GLN A 15 11.58 5.13 3.90
CA GLN A 15 10.16 5.26 3.95
C GLN A 15 9.74 6.73 3.74
N VAL A 16 8.84 6.95 2.80
CA VAL A 16 8.24 8.28 2.58
C VAL A 16 6.76 8.26 2.84
N SER A 17 6.21 9.45 3.08
CA SER A 17 4.78 9.72 3.13
C SER A 17 4.42 10.53 1.93
N LEU A 18 3.35 10.08 1.25
CA LEU A 18 2.74 10.95 0.19
C LEU A 18 1.62 11.74 0.79
N ASN A 19 1.62 13.05 0.50
CA ASN A 19 0.77 14.00 1.20
C ASN A 19 0.13 14.89 0.12
N SER A 20 -1.19 15.01 0.18
CA SER A 20 -1.99 15.88 -0.71
C SER A 20 -2.86 16.81 0.08
N GLY A 21 -2.42 17.12 1.30
CA GLY A 21 -3.18 17.84 2.34
C GLY A 21 -3.12 17.07 3.66
N SER A 22 -3.06 15.75 3.52
CA SER A 22 -2.89 14.83 4.57
CA SER A 22 -2.97 14.81 4.56
C SER A 22 -2.14 13.65 4.01
N HIS A 23 -1.59 12.87 4.90
CA HIS A 23 -0.98 11.58 4.52
C HIS A 23 -2.02 10.69 3.86
N PHE A 24 -1.67 10.08 2.72
CA PHE A 24 -2.62 9.13 2.11
C PHE A 24 -2.03 7.84 1.59
N CYS A 25 -0.70 7.81 1.43
CA CYS A 25 -0.06 6.61 0.90
C CYS A 25 1.41 6.69 1.35
N GLY A 26 2.11 5.56 1.25
CA GLY A 26 3.52 5.48 1.43
C GLY A 26 4.27 5.40 0.11
N GLY A 27 5.57 5.34 0.23
CA GLY A 27 6.47 5.13 -0.85
C GLY A 27 7.85 4.81 -0.34
N SER A 28 8.78 4.47 -1.24
CA SER A 28 10.17 4.14 -0.94
C SER A 28 11.13 4.88 -1.80
N LEU A 29 12.11 5.54 -1.19
CA LEU A 29 13.12 6.28 -1.91
C LEU A 29 14.14 5.27 -2.49
N ILE A 30 14.27 5.21 -3.80
CA ILE A 30 15.18 4.30 -4.46
C ILE A 30 16.38 4.98 -5.09
N SER A 31 16.34 6.30 -5.29
CA SER A 31 17.50 7.06 -5.71
C SER A 31 17.27 8.47 -5.21
N GLU A 32 18.25 9.34 -5.37
CA GLU A 32 18.10 10.69 -4.91
C GLU A 32 16.88 11.42 -5.47
N GLN A 33 16.49 11.07 -6.70
CA GLN A 33 15.33 11.73 -7.36
C GLN A 33 14.12 10.92 -7.54
N TRP A 34 14.10 9.65 -7.14
CA TRP A 34 13.01 8.75 -7.46
C TRP A 34 12.48 7.92 -6.30
N VAL A 35 11.17 7.83 -6.27
CA VAL A 35 10.40 7.12 -5.29
C VAL A 35 9.53 6.08 -5.99
N VAL A 36 9.46 4.91 -5.40
CA VAL A 36 8.52 3.84 -5.84
C VAL A 36 7.31 3.86 -4.96
N SER A 37 6.12 3.78 -5.56
CA SER A 37 4.87 3.66 -4.83
C SER A 37 3.92 2.81 -5.64
N ALA A 38 2.62 2.86 -5.26
CA ALA A 38 1.58 2.09 -5.93
C ALA A 38 0.90 3.04 -6.92
N ALA A 39 0.58 2.50 -8.14
CA ALA A 39 -0.15 3.28 -9.14
C ALA A 39 -1.47 3.77 -8.64
N HIS A 40 -2.15 3.00 -7.78
CA HIS A 40 -3.47 3.48 -7.32
C HIS A 40 -3.36 4.65 -6.36
N CYS A 41 -2.15 5.00 -5.92
CA CYS A 41 -1.87 6.19 -5.15
C CYS A 41 -1.69 7.44 -5.97
N TYR A 42 -1.80 7.34 -7.28
CA TYR A 42 -1.72 8.52 -8.11
C TYR A 42 -2.74 9.58 -7.71
N LYS A 43 -2.24 10.82 -7.71
CA LYS A 43 -2.98 12.07 -7.69
C LYS A 43 -2.23 13.06 -8.54
N THR A 44 -2.93 14.01 -9.13
CA THR A 44 -2.28 14.97 -9.97
C THR A 44 -1.15 15.71 -9.34
N ARG A 45 -1.29 16.04 -8.06
CA ARG A 45 -0.23 16.66 -7.29
C ARG A 45 0.01 15.83 -6.04
N ILE A 46 1.28 15.66 -5.74
CA ILE A 46 1.68 14.97 -4.52
C ILE A 46 2.96 15.67 -3.96
N GLN A 47 2.95 15.85 -2.65
CA GLN A 47 4.10 16.24 -1.90
C GLN A 47 4.65 15.00 -1.22
N VAL A 48 5.93 14.77 -1.43
CA VAL A 48 6.68 13.63 -0.83
C VAL A 48 7.30 14.18 0.44
N ARG A 49 7.10 13.47 1.54
CA ARG A 49 7.66 13.83 2.83
C ARG A 49 8.62 12.74 3.26
N LEU A 50 9.88 13.17 3.32
CA LEU A 50 11.00 12.31 3.63
C LEU A 50 11.54 12.61 5.02
N GLY A 51 12.13 11.60 5.64
CA GLY A 51 12.73 11.82 6.94
C GLY A 51 11.74 11.86 8.07
N GLU A 52 10.50 11.43 7.85
CA GLU A 52 9.46 11.55 8.84
C GLU A 52 9.52 10.44 9.87
N HIS A 53 9.12 10.72 11.08
CA HIS A 53 8.75 9.75 12.07
C HIS A 53 7.32 10.04 12.51
N ASN A 54 7.09 11.15 13.20
CA ASN A 54 5.80 11.65 13.59
C ASN A 54 5.30 12.53 12.44
N ILE A 55 4.33 12.08 11.66
CA ILE A 55 3.86 12.87 10.55
C ILE A 55 2.99 14.07 10.91
N LYS A 56 2.64 14.22 12.19
CA LYS A 56 1.86 15.32 12.67
C LYS A 56 2.67 16.45 13.27
N VAL A 57 3.87 16.17 13.65
CA VAL A 57 4.72 17.12 14.31
C VAL A 57 5.86 17.49 13.40
N LEU A 58 5.96 18.78 13.08
CA LEU A 58 7.03 19.31 12.30
C LEU A 58 8.20 19.40 13.14
N GLU A 59 9.12 18.45 13.00
CA GLU A 59 10.33 18.42 13.84
C GLU A 59 11.43 19.39 13.39
N GLY A 60 11.42 19.79 12.12
CA GLY A 60 12.49 20.66 11.60
C GLY A 60 13.65 19.92 10.94
N ASN A 61 13.47 18.62 10.64
CA ASN A 61 14.52 17.78 10.04
C ASN A 61 13.99 16.91 8.87
N GLU A 62 12.74 17.08 8.48
CA GLU A 62 12.14 16.44 7.32
C GLU A 62 12.60 17.11 6.04
N GLN A 63 12.27 16.47 4.92
CA GLN A 63 12.35 17.16 3.64
C GLN A 63 10.97 17.01 2.97
N PHE A 64 10.41 18.10 2.47
CA PHE A 64 9.10 18.14 1.83
C PHE A 64 9.33 18.53 0.40
N ILE A 65 9.10 17.64 -0.57
CA ILE A 65 9.49 17.83 -1.92
C ILE A 65 8.29 17.48 -2.88
N ASN A 66 7.77 18.42 -3.74
CA ASN A 66 6.81 18.20 -4.71
CA ASN A 66 6.72 18.11 -4.60
C ASN A 66 7.25 17.13 -5.66
N ALA A 67 6.32 16.29 -6.08
CA ALA A 67 6.54 15.38 -7.18
C ALA A 67 6.55 16.23 -8.46
N ALA A 68 7.56 16.10 -9.30
CA ALA A 68 7.64 16.67 -10.64
C ALA A 68 7.00 15.79 -11.74
N LYS A 69 7.20 14.50 -11.62
CA LYS A 69 6.66 13.51 -12.55
C LYS A 69 6.05 12.39 -11.75
N ILE A 70 4.87 11.90 -12.16
CA ILE A 70 4.19 10.79 -11.42
C ILE A 70 3.77 9.82 -12.48
N ILE A 71 4.50 8.71 -12.57
CA ILE A 71 4.41 7.81 -13.71
C ILE A 71 3.90 6.44 -13.28
N ARG A 72 2.65 6.15 -13.55
CA ARG A 72 2.05 4.83 -13.35
C ARG A 72 2.60 3.82 -14.36
N HIS A 73 2.71 2.58 -13.93
CA HIS A 73 3.10 1.59 -14.88
C HIS A 73 2.08 1.62 -16.05
N PRO A 74 2.60 1.45 -17.31
CA PRO A 74 1.69 1.59 -18.44
C PRO A 74 0.63 0.50 -18.55
N LYS A 75 0.79 -0.60 -17.87
CA LYS A 75 -0.14 -1.70 -17.86
C LYS A 75 -0.86 -1.81 -16.53
N TYR A 76 -0.73 -0.78 -15.66
CA TYR A 76 -1.60 -0.71 -14.49
C TYR A 76 -3.07 -0.65 -14.89
N ASN A 77 -3.89 -1.38 -14.16
CA ASN A 77 -5.36 -1.35 -14.35
C ASN A 77 -6.00 -1.09 -12.98
N ARG A 78 -6.81 -0.04 -12.85
CA ARG A 78 -7.48 0.30 -11.62
C ARG A 78 -8.43 -0.75 -11.16
N ASP A 79 -9.13 -1.40 -12.10
CA ASP A 79 -10.17 -2.30 -11.70
C ASP A 79 -9.58 -3.64 -11.11
N THR A 80 -8.51 -4.12 -11.69
CA THR A 80 -7.89 -5.40 -11.27
C THR A 80 -6.70 -5.21 -10.34
N LEU A 81 -6.16 -4.00 -10.33
CA LEU A 81 -4.90 -3.68 -9.62
C LEU A 81 -3.76 -4.41 -10.19
N ASP A 82 -3.80 -4.97 -11.38
CA ASP A 82 -2.61 -5.50 -12.01
C ASP A 82 -1.57 -4.41 -12.20
N ASN A 83 -0.32 -4.79 -12.01
CA ASN A 83 0.80 -3.88 -12.18
C ASN A 83 0.65 -2.61 -11.33
N ASP A 84 0.35 -2.80 -10.05
CA ASP A 84 0.09 -1.63 -9.19
C ASP A 84 1.42 -1.09 -8.66
N ILE A 85 2.09 -0.30 -9.50
CA ILE A 85 3.39 0.26 -9.20
C ILE A 85 3.48 1.56 -10.00
N MET A 86 4.20 2.55 -9.41
CA MET A 86 4.39 3.79 -9.98
C MET A 86 5.72 4.39 -9.53
N LEU A 87 6.27 5.28 -10.33
CA LEU A 87 7.44 6.04 -10.03
C LEU A 87 7.13 7.49 -9.91
N ILE A 88 7.69 8.11 -8.90
CA ILE A 88 7.60 9.56 -8.66
C ILE A 88 8.99 10.13 -8.82
N LYS A 89 9.16 11.12 -9.69
CA LYS A 89 10.42 11.90 -9.76
C LYS A 89 10.19 13.14 -8.91
N LEU A 90 11.11 13.37 -8.00
CA LEU A 90 11.07 14.51 -7.10
C LEU A 90 11.51 15.79 -7.89
N SER A 91 10.94 16.92 -7.49
CA SER A 91 11.21 18.17 -8.16
C SER A 91 12.59 18.72 -7.89
N SER A 92 13.14 18.33 -6.74
CA SER A 92 14.56 18.55 -6.35
C SER A 92 15.06 17.26 -5.74
N PRO A 93 16.37 16.97 -5.85
CA PRO A 93 16.83 15.74 -5.29
C PRO A 93 16.67 15.75 -3.78
N ALA A 94 16.42 14.61 -3.22
CA ALA A 94 16.48 14.38 -1.79
C ALA A 94 17.94 14.56 -1.37
N VAL A 95 18.16 15.15 -0.19
CA VAL A 95 19.49 15.19 0.44
C VAL A 95 19.64 13.97 1.27
N ILE A 96 20.69 13.21 0.98
CA ILE A 96 20.88 11.92 1.62
C ILE A 96 21.62 12.17 2.94
N ASN A 97 21.03 11.67 4.03
CA ASN A 97 21.60 11.80 5.34
C ASN A 97 21.22 10.57 6.14
N ALA A 98 21.50 10.56 7.45
CA ALA A 98 21.21 9.34 8.21
C ALA A 98 19.71 9.03 8.27
N ARG A 99 18.86 10.04 8.07
CA ARG A 99 17.38 9.89 8.12
C ARG A 99 16.64 9.79 6.79
N VAL A 100 17.36 10.02 5.72
CA VAL A 100 16.82 10.04 4.38
C VAL A 100 17.83 9.31 3.53
N SER A 101 17.48 8.12 3.05
CA SER A 101 18.38 7.32 2.23
C SER A 101 17.61 6.26 1.45
N THR A 102 18.34 5.64 0.53
CA THR A 102 17.71 4.80 -0.42
C THR A 102 17.60 3.35 0.04
N ILE A 103 16.64 2.61 -0.50
CA ILE A 103 16.56 1.19 -0.37
C ILE A 103 16.89 0.53 -1.68
N SER A 104 17.69 -0.55 -1.65
CA SER A 104 18.12 -1.27 -2.78
CA SER A 104 18.13 -1.29 -2.75
C SER A 104 16.94 -1.99 -3.43
N LEU A 105 17.03 -2.04 -4.72
CA LEU A 105 16.12 -2.83 -5.53
C LEU A 105 16.44 -4.33 -5.36
N PRO A 106 15.49 -5.18 -5.60
CA PRO A 106 15.69 -6.61 -5.42
C PRO A 106 16.48 -7.21 -6.55
N THR A 107 17.26 -8.22 -6.20
CA THR A 107 18.05 -8.91 -7.13
C THR A 107 17.61 -10.40 -7.36
N ALA A 108 16.54 -10.80 -6.70
CA ALA A 108 15.92 -12.05 -6.98
C ALA A 108 14.42 -11.89 -6.67
N PRO A 109 13.61 -12.84 -7.16
CA PRO A 109 12.17 -12.73 -6.98
C PRO A 109 11.86 -12.98 -5.50
N PRO A 110 10.63 -12.63 -5.05
CA PRO A 110 10.31 -12.92 -3.69
C PRO A 110 10.13 -14.46 -3.50
N ALA A 111 10.45 -14.88 -2.31
CA ALA A 111 10.43 -16.35 -2.03
C ALA A 111 9.66 -16.65 -0.76
N ALA A 112 8.82 -17.65 -0.80
CA ALA A 112 8.05 -18.05 0.32
C ALA A 112 8.87 -18.22 1.57
N GLY A 113 8.30 -17.81 2.69
CA GLY A 113 8.92 -17.94 3.99
C GLY A 113 9.86 -16.86 4.39
N THR A 114 10.25 -16.01 3.44
CA THR A 114 11.19 -14.97 3.69
C THR A 114 10.58 -13.97 4.69
N GLU A 115 11.36 -13.64 5.72
CA GLU A 115 10.93 -12.72 6.76
C GLU A 115 11.22 -11.30 6.26
N CYS A 116 10.19 -10.43 6.26
CA CYS A 116 10.25 -9.09 5.75
C CYS A 116 9.72 -8.10 6.80
N LEU A 117 9.87 -6.83 6.42
CA LEU A 117 9.46 -5.68 7.22
C LEU A 117 8.56 -4.78 6.37
N ILE A 118 7.34 -4.58 6.86
CA ILE A 118 6.33 -3.75 6.20
C ILE A 118 6.12 -2.55 7.09
N SER A 119 5.89 -1.39 6.50
CA SER A 119 5.78 -0.19 7.31
C SER A 119 4.85 0.85 6.69
N GLY A 120 4.37 1.74 7.55
CA GLY A 120 3.57 2.85 7.11
C GLY A 120 2.80 3.55 8.20
N TRP A 121 2.12 4.64 7.80
CA TRP A 121 1.22 5.39 8.63
C TRP A 121 -0.26 5.13 8.38
N GLY A 122 -0.54 3.93 7.87
CA GLY A 122 -1.92 3.56 7.64
C GLY A 122 -2.71 3.13 8.88
N ASN A 123 -3.97 2.77 8.69
CA ASN A 123 -4.86 2.50 9.77
C ASN A 123 -4.32 1.37 10.62
N THR A 124 -4.47 1.49 11.94
CA THR A 124 -4.04 0.51 12.92
C THR A 124 -5.18 -0.35 13.41
N LEU A 125 -6.41 -0.17 12.84
CA LEU A 125 -7.55 -1.00 13.25
C LEU A 125 -8.14 -1.78 12.09
N SER A 126 -8.59 -2.99 12.38
CA SER A 126 -9.37 -3.81 11.41
C SER A 126 -10.79 -3.29 11.28
N PHE A 127 -11.29 -2.75 12.38
CA PHE A 127 -12.63 -2.20 12.39
C PHE A 127 -12.57 -0.73 12.82
N GLY A 128 -13.15 0.15 12.01
CA GLY A 128 -12.98 1.54 12.23
C GLY A 128 -11.67 2.11 11.84
N ALA A 129 -11.27 3.23 12.45
CA ALA A 129 -10.09 3.95 12.04
C ALA A 129 -9.37 4.63 13.14
N ASP A 130 -8.07 4.41 13.10
CA ASP A 130 -7.09 5.05 13.98
C ASP A 130 -5.80 5.20 13.19
N TYR A 131 -5.49 6.40 12.74
CA TYR A 131 -4.37 6.71 11.93
C TYR A 131 -3.27 7.26 12.83
N PRO A 132 -2.12 6.61 12.84
CA PRO A 132 -1.11 6.88 13.89
C PRO A 132 -0.29 8.10 13.54
N ASP A 133 0.22 8.79 14.54
CA ASP A 133 1.14 9.84 14.30
C ASP A 133 2.53 9.29 13.94
N GLU A 134 2.94 8.22 14.61
CA GLU A 134 4.25 7.69 14.43
C GLU A 134 4.27 6.46 13.50
N LEU A 135 5.36 6.33 12.78
CA LEU A 135 5.51 5.29 11.79
C LEU A 135 5.40 3.90 12.45
N LYS A 136 4.64 3.01 11.82
CA LYS A 136 4.46 1.63 12.30
C LYS A 136 5.16 0.65 11.39
N CYS A 137 5.57 -0.44 12.05
CA CYS A 137 6.36 -1.53 11.48
C CYS A 137 5.71 -2.87 11.80
N LEU A 138 5.90 -3.84 10.87
CA LEU A 138 5.34 -5.17 11.01
C LEU A 138 6.34 -6.13 10.41
N ASP A 139 6.76 -7.10 11.27
CA ASP A 139 7.53 -8.21 10.76
C ASP A 139 6.56 -9.28 10.25
N ALA A 140 6.79 -9.70 8.99
CA ALA A 140 5.88 -10.62 8.36
C ALA A 140 6.56 -11.45 7.32
N PRO A 141 6.13 -12.68 7.16
CA PRO A 141 6.73 -13.55 6.13
C PRO A 141 5.97 -13.61 4.83
N VAL A 142 6.70 -13.79 3.75
CA VAL A 142 6.11 -14.10 2.47
C VAL A 142 5.33 -15.40 2.55
N LEU A 143 4.11 -15.39 2.05
CA LEU A 143 3.27 -16.56 2.00
C LEU A 143 3.52 -17.33 0.69
N THR A 144 3.15 -18.60 0.66
CA THR A 144 3.23 -19.32 -0.60
C THR A 144 2.27 -18.75 -1.65
N GLN A 145 2.63 -18.95 -2.93
CA GLN A 145 1.71 -18.59 -4.02
C GLN A 145 0.39 -19.33 -3.83
N ALA A 146 0.49 -20.61 -3.46
CA ALA A 146 -0.74 -21.41 -3.25
C ALA A 146 -1.65 -20.78 -2.17
N GLU A 147 -1.06 -20.37 -1.07
CA GLU A 147 -1.83 -19.74 -0.02
C GLU A 147 -2.43 -18.43 -0.47
N CYS A 148 -1.65 -17.67 -1.23
CA CYS A 148 -2.16 -16.39 -1.75
C CYS A 148 -3.41 -16.59 -2.64
N LYS A 149 -3.27 -17.51 -3.58
CA LYS A 149 -4.33 -17.82 -4.51
C LYS A 149 -5.52 -18.42 -3.85
N ALA A 150 -5.30 -19.28 -2.83
CA ALA A 150 -6.41 -19.89 -2.08
C ALA A 150 -7.19 -18.79 -1.25
N SER A 151 -6.43 -17.77 -0.79
CA SER A 151 -7.07 -16.68 -0.10
C SER A 151 -7.94 -15.76 -0.95
N TYR A 152 -7.46 -15.63 -2.18
CA TYR A 152 -8.08 -14.75 -3.16
C TYR A 152 -8.34 -15.40 -4.53
N PRO A 153 -9.24 -16.38 -4.57
CA PRO A 153 -9.44 -17.04 -5.81
C PRO A 153 -9.84 -16.13 -6.94
N GLY A 154 -9.18 -16.33 -8.07
CA GLY A 154 -9.50 -15.55 -9.25
C GLY A 154 -8.86 -14.19 -9.36
N LYS A 155 -8.10 -13.76 -8.32
CA LYS A 155 -7.72 -12.37 -8.20
C LYS A 155 -6.21 -12.10 -8.20
N ILE A 156 -5.40 -13.14 -8.12
CA ILE A 156 -3.95 -12.94 -7.96
C ILE A 156 -3.30 -13.09 -9.32
N THR A 157 -2.69 -12.00 -9.81
CA THR A 157 -2.03 -11.96 -11.09
C THR A 157 -0.56 -12.20 -10.88
N ASN A 158 0.18 -12.32 -11.96
CA ASN A 158 1.64 -12.51 -11.90
C ASN A 158 2.33 -11.35 -11.21
N SER A 159 1.73 -10.17 -11.15
CA SER A 159 2.37 -9.05 -10.47
C SER A 159 2.23 -9.08 -8.97
N MET A 160 1.48 -10.00 -8.39
CA MET A 160 1.02 -9.94 -7.01
C MET A 160 1.59 -11.07 -6.19
N PHE A 161 1.89 -10.81 -4.93
CA PHE A 161 2.25 -11.83 -3.96
C PHE A 161 1.73 -11.44 -2.59
N CYS A 162 1.61 -12.40 -1.71
CA CYS A 162 1.03 -12.23 -0.41
C CYS A 162 2.10 -12.31 0.67
N VAL A 163 1.95 -11.45 1.67
CA VAL A 163 2.81 -11.38 2.82
C VAL A 163 1.93 -11.19 4.03
N GLY A 164 2.21 -11.89 5.12
CA GLY A 164 1.41 -11.75 6.33
C GLY A 164 1.08 -13.02 7.04
N PHE A 165 -0.08 -13.12 7.62
CA PHE A 165 -0.47 -14.14 8.56
C PHE A 165 -1.87 -14.58 8.24
N LEU A 166 -2.02 -15.83 7.88
CA LEU A 166 -3.36 -16.31 7.62
C LEU A 166 -4.32 -16.32 8.82
N GLU A 167 -3.77 -16.37 10.03
CA GLU A 167 -4.60 -16.28 11.22
C GLU A 167 -5.18 -14.90 11.47
N GLY A 168 -4.69 -13.90 10.76
CA GLY A 168 -5.21 -12.54 10.96
C GLY A 168 -4.48 -11.87 12.10
N GLY A 169 -4.90 -10.65 12.40
CA GLY A 169 -4.35 -9.86 13.47
C GLY A 169 -3.23 -8.90 13.12
N LYS A 170 -2.52 -9.18 12.05
CA LYS A 170 -1.27 -8.49 11.69
C LYS A 170 -1.23 -8.29 10.19
N ASP A 171 -1.30 -7.05 9.74
CA ASP A 171 -1.42 -6.78 8.32
C ASP A 171 -1.13 -5.29 8.04
N SER A 172 -0.95 -4.92 6.77
CA SER A 172 -1.06 -3.58 6.33
C SER A 172 -2.54 -3.18 6.20
N CYS A 173 -2.82 -1.88 5.95
CA CYS A 173 -4.16 -1.40 5.91
C CYS A 173 -4.25 -0.12 5.11
N GLN A 174 -5.45 0.48 5.07
CA GLN A 174 -5.63 1.67 4.36
C GLN A 174 -4.66 2.79 4.73
N ARG A 175 -4.10 3.41 3.72
CA ARG A 175 -3.14 4.47 3.76
C ARG A 175 -1.70 3.95 4.01
N ASP A 176 -1.52 2.64 3.98
CA ASP A 176 -0.17 1.99 3.83
C ASP A 176 0.20 1.78 2.40
N ALA A 177 -0.80 1.80 1.46
CA ALA A 177 -0.48 1.47 0.05
C ALA A 177 0.67 2.30 -0.46
N GLY A 178 1.48 1.73 -1.34
CA GLY A 178 2.59 2.39 -1.90
C GLY A 178 3.88 2.15 -1.11
N GLY A 179 3.72 1.84 0.17
CA GLY A 179 4.86 1.69 1.07
C GLY A 179 5.55 0.35 0.84
N PRO A 180 6.66 0.19 1.56
CA PRO A 180 7.60 -0.89 1.33
C PRO A 180 7.33 -2.17 2.08
N VAL A 181 7.73 -3.24 1.40
CA VAL A 181 8.01 -4.53 2.01
C VAL A 181 9.47 -4.83 1.71
N VAL A 182 10.30 -4.78 2.80
CA VAL A 182 11.74 -4.96 2.65
C VAL A 182 12.11 -6.34 3.21
N CYS A 183 12.92 -7.06 2.46
CA CYS A 183 13.34 -8.41 2.86
C CYS A 183 14.79 -8.50 2.55
N ASN A 184 15.56 -8.86 3.60
CA ASN A 184 17.02 -9.01 3.46
C ASN A 184 17.64 -7.78 2.78
N GLY A 185 17.21 -6.59 3.25
CA GLY A 185 17.85 -5.38 2.80
C GLY A 185 17.45 -4.86 1.41
N GLN A 186 16.42 -5.46 0.82
CA GLN A 186 16.00 -5.07 -0.56
C GLN A 186 14.46 -4.85 -0.54
N LEU A 187 14.03 -3.96 -1.43
CA LEU A 187 12.61 -3.67 -1.63
C LEU A 187 11.98 -4.77 -2.48
N GLN A 188 11.26 -5.68 -1.88
CA GLN A 188 10.58 -6.73 -2.56
C GLN A 188 9.15 -6.45 -2.90
N GLY A 189 8.46 -5.62 -2.14
CA GLY A 189 7.04 -5.40 -2.35
C GLY A 189 6.61 -3.97 -2.22
N VAL A 190 5.48 -3.70 -2.81
CA VAL A 190 4.73 -2.43 -2.62
C VAL A 190 3.38 -2.84 -2.05
N VAL A 191 2.98 -2.21 -0.95
CA VAL A 191 1.68 -2.41 -0.39
C VAL A 191 0.62 -2.05 -1.43
N SER A 192 -0.32 -2.98 -1.65
CA SER A 192 -1.35 -2.78 -2.67
C SER A 192 -2.76 -2.90 -2.17
N TRP A 193 -3.23 -4.11 -1.83
CA TRP A 193 -4.60 -4.32 -1.50
C TRP A 193 -4.88 -5.49 -0.58
N GLY A 194 -6.09 -5.68 -0.14
CA GLY A 194 -6.52 -6.84 0.61
C GLY A 194 -8.02 -6.76 0.85
N HIS A 195 -8.62 -7.83 1.34
CA HIS A 195 -10.03 -7.78 1.76
C HIS A 195 -10.06 -7.38 3.25
N GLY A 196 -10.45 -6.11 3.48
CA GLY A 196 -10.33 -5.55 4.83
C GLY A 196 -8.85 -5.53 5.22
N CYS A 197 -8.60 -5.58 6.51
CA CYS A 197 -7.25 -5.58 7.01
C CYS A 197 -7.23 -6.52 8.21
N ALA A 198 -6.21 -7.38 8.20
CA ALA A 198 -5.94 -8.27 9.34
C ALA A 198 -7.00 -9.30 9.66
N TRP A 199 -7.79 -9.63 8.65
CA TRP A 199 -8.79 -10.67 8.84
C TRP A 199 -8.19 -12.03 8.58
N LYS A 200 -8.71 -13.06 9.21
CA LYS A 200 -8.30 -14.40 8.93
C LYS A 200 -8.48 -14.71 7.42
N ASN A 201 -7.46 -15.41 6.90
CA ASN A 201 -7.50 -15.90 5.49
C ASN A 201 -7.55 -14.79 4.44
N ARG A 202 -7.22 -13.57 4.83
N ARG A 202 -7.19 -13.58 4.84
CA ARG A 202 -7.21 -12.42 3.91
CA ARG A 202 -7.29 -12.41 3.98
C ARG A 202 -5.94 -11.59 4.11
C ARG A 202 -5.95 -11.60 4.15
N PRO A 203 -4.82 -12.21 3.75
CA PRO A 203 -3.53 -11.54 3.95
C PRO A 203 -3.39 -10.34 2.99
N GLY A 204 -2.40 -9.54 3.23
CA GLY A 204 -2.08 -8.47 2.31
C GLY A 204 -1.58 -8.94 0.98
N VAL A 205 -1.90 -8.20 -0.07
CA VAL A 205 -1.48 -8.45 -1.43
C VAL A 205 -0.59 -7.26 -1.82
N TYR A 206 0.57 -7.60 -2.39
CA TYR A 206 1.66 -6.71 -2.66
C TYR A 206 2.15 -6.84 -4.08
N THR A 207 2.69 -5.78 -4.66
CA THR A 207 3.26 -5.81 -5.96
C THR A 207 4.68 -6.32 -5.90
N LYS A 208 5.07 -7.28 -6.76
CA LYS A 208 6.42 -7.83 -6.85
C LYS A 208 7.32 -6.82 -7.53
N VAL A 209 8.12 -6.12 -6.73
CA VAL A 209 9.03 -5.15 -7.31
C VAL A 209 9.98 -5.72 -8.34
N TYR A 210 10.50 -6.94 -8.04
CA TYR A 210 11.48 -7.53 -8.90
C TYR A 210 11.03 -7.61 -10.35
N ASN A 211 9.74 -7.79 -10.60
CA ASN A 211 9.28 -7.86 -11.96
C ASN A 211 9.48 -6.58 -12.78
N TYR A 212 9.73 -5.45 -12.08
CA TYR A 212 9.79 -4.14 -12.62
C TYR A 212 11.18 -3.50 -12.64
N VAL A 213 12.19 -4.29 -12.34
CA VAL A 213 13.52 -3.68 -12.22
C VAL A 213 13.97 -3.01 -13.54
N ASP A 214 13.71 -3.69 -14.66
CA ASP A 214 14.07 -3.10 -15.93
C ASP A 214 13.22 -1.88 -16.30
N TRP A 215 11.93 -1.93 -16.03
CA TRP A 215 11.04 -0.82 -16.22
C TRP A 215 11.48 0.39 -15.43
N ILE A 216 11.86 0.13 -14.19
CA ILE A 216 12.35 1.23 -13.32
C ILE A 216 13.62 1.86 -13.90
N LYS A 217 14.57 1.01 -14.26
CA LYS A 217 15.79 1.52 -14.81
C LYS A 217 15.52 2.30 -16.08
N ASP A 218 14.70 1.75 -16.95
CA ASP A 218 14.44 2.38 -18.24
C ASP A 218 13.67 3.74 -18.05
N THR A 219 12.71 3.77 -17.11
CA THR A 219 11.97 4.98 -16.85
C THR A 219 12.83 6.08 -16.30
N ILE A 220 13.70 5.73 -15.37
CA ILE A 220 14.65 6.69 -14.82
C ILE A 220 15.51 7.26 -15.92
N ALA A 221 16.06 6.40 -16.79
CA ALA A 221 16.95 6.87 -17.84
C ALA A 221 16.25 7.80 -18.83
N ALA A 222 14.96 7.52 -19.11
CA ALA A 222 14.17 8.27 -20.06
C ALA A 222 13.71 9.61 -19.53
N ASN A 223 13.79 9.78 -18.22
CA ASN A 223 13.33 10.96 -17.54
C ASN A 223 14.39 11.66 -16.76
N SER A 224 15.62 11.65 -17.26
CA SER A 224 16.75 12.24 -16.56
C SER A 224 17.09 13.61 -17.15
N LYS B 1 -32.89 3.01 7.98
CA LYS B 1 -32.18 1.71 8.07
C LYS B 1 -30.69 1.91 8.20
N ALA B 2 -30.22 1.81 9.42
CA ALA B 2 -28.86 2.16 9.77
C ALA B 2 -27.84 1.24 9.10
N VAL B 3 -28.23 0.00 8.81
CA VAL B 3 -27.26 -0.93 8.18
C VAL B 3 -27.04 -0.60 6.70
N CYS B 4 -27.88 0.27 6.11
CA CYS B 4 -27.82 0.60 4.71
C CYS B 4 -27.06 1.90 4.63
N SER B 5 -25.73 1.79 4.62
CA SER B 5 -24.87 2.98 4.63
C SER B 5 -24.89 3.68 3.29
N GLN B 6 -24.87 5.02 3.37
CA GLN B 6 -24.74 5.86 2.19
C GLN B 6 -23.25 6.17 1.88
N GLU B 7 -22.31 5.68 2.74
CA GLU B 7 -20.94 5.94 2.58
C GLU B 7 -20.40 5.09 1.45
N ALA B 8 -19.53 5.67 0.64
CA ALA B 8 -18.85 4.89 -0.41
C ALA B 8 -18.07 3.73 0.18
N MET B 9 -18.11 2.63 -0.56
CA MET B 9 -17.43 1.42 -0.23
C MET B 9 -15.92 1.69 -0.02
N THR B 10 -15.31 1.17 1.02
CA THR B 10 -13.90 1.34 1.16
C THR B 10 -13.18 0.63 -0.04
N GLY B 11 -13.59 -0.58 -0.36
CA GLY B 11 -12.95 -1.37 -1.40
C GLY B 11 -11.66 -1.94 -0.88
N PRO B 12 -11.00 -2.63 -1.75
CA PRO B 12 -9.78 -3.38 -1.28
C PRO B 12 -8.52 -2.57 -1.32
N CYS B 13 -8.48 -1.47 -2.04
CA CYS B 13 -7.25 -0.73 -2.18
C CYS B 13 -6.82 -0.16 -0.82
N ARG B 14 -5.54 -0.31 -0.56
CA ARG B 14 -4.95 0.26 0.66
C ARG B 14 -4.38 1.68 0.44
N MET C 1 -29.61 -3.20 -11.96
CA MET C 1 -30.08 -2.29 -10.86
C MET C 1 -29.08 -2.27 -9.65
N PRO C 2 -29.45 -1.54 -8.58
CA PRO C 2 -28.53 -1.39 -7.43
C PRO C 2 -28.03 -2.69 -6.76
N ARG C 3 -26.74 -2.65 -6.40
CA ARG C 3 -26.02 -3.81 -5.74
C ARG C 3 -25.34 -3.41 -4.38
N TRP C 4 -25.59 -4.15 -3.31
CA TRP C 4 -25.13 -3.90 -1.95
C TRP C 4 -24.41 -5.11 -1.38
N TYR C 5 -23.38 -4.82 -0.57
CA TYR C 5 -22.57 -5.89 0.10
C TYR C 5 -22.00 -5.33 1.43
N PHE C 6 -21.53 -6.20 2.28
CA PHE C 6 -21.13 -5.83 3.57
C PHE C 6 -19.65 -5.48 3.60
N ASP C 7 -19.36 -4.32 4.18
CA ASP C 7 -18.03 -3.77 4.32
C ASP C 7 -17.56 -4.07 5.74
N LEU C 8 -16.49 -4.82 5.82
CA LEU C 8 -16.07 -5.42 7.04
C LEU C 8 -15.56 -4.38 7.98
N SER C 9 -14.91 -3.37 7.44
CA SER C 9 -14.39 -2.26 8.24
C SER C 9 -15.38 -1.33 8.79
N LYS C 10 -16.47 -1.20 8.06
CA LYS C 10 -17.60 -0.29 8.47
C LYS C 10 -18.71 -1.02 9.25
N GLY C 11 -18.83 -2.34 9.14
CA GLY C 11 -19.90 -3.08 9.84
C GLY C 11 -21.28 -2.72 9.28
N LYS C 12 -21.30 -2.38 8.00
CA LYS C 12 -22.57 -2.01 7.36
C LYS C 12 -22.57 -2.47 5.92
N CYS C 13 -23.78 -2.55 5.38
CA CYS C 13 -23.95 -2.67 3.93
C CYS C 13 -23.64 -1.41 3.18
N VAL C 14 -22.96 -1.53 2.06
CA VAL C 14 -22.58 -0.40 1.17
C VAL C 14 -22.95 -0.75 -0.25
N ARG C 15 -23.19 0.29 -1.06
CA ARG C 15 -23.56 0.18 -2.48
C ARG C 15 -22.31 -0.07 -3.29
N PHE C 16 -22.35 -1.02 -4.20
CA PHE C 16 -21.25 -1.14 -5.16
C PHE C 16 -21.57 -0.14 -6.25
N ILE C 17 -20.55 0.63 -6.57
CA ILE C 17 -20.57 1.73 -7.53
C ILE C 17 -19.42 1.45 -8.53
N TYR C 18 -19.71 1.73 -9.77
CA TYR C 18 -18.72 1.69 -10.81
C TYR C 18 -17.60 2.63 -10.56
N GLY C 19 -16.47 2.06 -10.87
CA GLY C 19 -15.31 2.91 -10.88
C GLY C 19 -14.47 2.96 -9.59
N GLY C 20 -14.81 2.15 -8.60
CA GLY C 20 -13.97 2.08 -7.42
C GLY C 20 -12.57 1.49 -7.66
N CYS C 21 -11.64 1.94 -6.86
CA CYS C 21 -10.31 1.38 -6.91
C CYS C 21 -10.40 -0.10 -6.61
N GLY C 22 -9.79 -0.92 -7.49
CA GLY C 22 -9.83 -2.34 -7.27
C GLY C 22 -11.23 -2.97 -7.32
N GLY C 23 -12.14 -2.37 -8.07
CA GLY C 23 -13.51 -2.88 -8.08
C GLY C 23 -13.61 -4.36 -8.42
N ASN C 24 -12.82 -4.82 -9.35
CA ASN C 24 -12.88 -6.22 -9.78
C ASN C 24 -12.19 -7.15 -8.78
N ARG C 25 -11.62 -6.62 -7.74
CA ARG C 25 -11.01 -7.36 -6.65
C ARG C 25 -11.89 -7.41 -5.39
N ASN C 26 -13.05 -6.75 -5.47
CA ASN C 26 -13.98 -6.69 -4.37
C ASN C 26 -14.45 -8.05 -3.96
N ASN C 27 -14.57 -8.24 -2.63
CA ASN C 27 -15.26 -9.37 -2.04
C ASN C 27 -16.62 -8.85 -1.62
N PHE C 28 -17.58 -9.44 -2.26
CA PHE C 28 -18.97 -9.04 -2.02
C PHE C 28 -19.58 -9.83 -0.85
N GLU C 29 -19.14 -9.53 0.37
CA GLU C 29 -19.54 -10.37 1.46
C GLU C 29 -20.99 -10.14 1.80
N SER C 30 -21.72 -11.19 2.17
CA SER C 30 -23.12 -11.10 2.59
C SER C 30 -24.00 -10.33 1.62
N GLU C 31 -23.78 -10.56 0.34
CA GLU C 31 -24.56 -9.86 -0.66
C GLU C 31 -26.10 -10.10 -0.53
N ASP C 32 -26.55 -11.33 -0.32
CA ASP C 32 -27.98 -11.66 -0.30
C ASP C 32 -28.67 -10.92 0.93
N TYR C 33 -27.98 -10.87 2.08
CA TYR C 33 -28.51 -10.16 3.25
C TYR C 33 -28.69 -8.69 2.92
N CYS C 34 -27.58 -8.05 2.47
CA CYS C 34 -27.57 -6.63 2.27
C CYS C 34 -28.51 -6.20 1.17
N MET C 35 -28.68 -7.07 0.13
CA MET C 35 -29.67 -6.79 -0.91
C MET C 35 -31.05 -6.79 -0.29
N ALA C 36 -31.33 -7.86 0.46
CA ALA C 36 -32.61 -8.01 1.05
C ALA C 36 -32.97 -6.87 1.93
N VAL C 37 -32.04 -6.43 2.78
CA VAL C 37 -32.40 -5.30 3.64
C VAL C 37 -32.44 -3.96 2.93
N CYS C 38 -31.45 -3.72 2.04
CA CYS C 38 -31.24 -2.38 1.49
C CYS C 38 -31.84 -2.08 0.14
#